data_4Y7U
#
_entry.id   4Y7U
#
_cell.length_a   72.750
_cell.length_b   72.750
_cell.length_c   163.130
_cell.angle_alpha   90.000
_cell.angle_beta   90.000
_cell.angle_gamma   120.000
#
_symmetry.space_group_name_H-M   'P 61 2 2'
#
loop_
_entity.id
_entity.type
_entity.pdbx_description
1 polymer 'Nucleotidyl transferase'
2 non-polymer GLYCEROL
3 non-polymer 'SULFATE ION'
4 non-polymer 'MAGNESIUM ION'
5 non-polymer "5'-O-[(S)-hydroxy{[(S)-hydroxy(phosphonooxy)phosphoryl]amino}phosphoryl]uridine"
6 non-polymer 2-acetamido-3-O-[(1R)-1-carboxyethyl]-2-deoxy-1-O-phosphono-alpha-D-glucopyranose
7 water water
#
_entity_poly.entity_id   1
_entity_poly.type   'polypeptide(L)'
_entity_poly.pdbx_seq_one_letter_code
;MKAMILAAGKGERMRPLTLHTPKPLVPVAGQPLIEYHLRALAAAGVTEVVINHAWLGQQIEDHLGDGSRFGLSIRYSPEG
EPLETGGGIFKALPLLGDAPFLLVNGDVWTDYDFARLQAPLQGLAHLVLVDNPGHHGRGDFRLVGEQVVDGDDAPGTLTF
SGISVLHPALFEGCQAGAFKLAPLLRQAMAAGKVSGEHYRGHWVDVGTLERLAEAESLIGERALEHHHHHH
;
_entity_poly.pdbx_strand_id   A
#
loop_
_chem_comp.id
_chem_comp.type
_chem_comp.name
_chem_comp.formula
2KH non-polymer 5'-O-[(S)-hydroxy{[(S)-hydroxy(phosphonooxy)phosphoryl]amino}phosphoryl]uridine 'C9 H16 N3 O14 P3'
491 D-saccharide 2-acetamido-3-O-[(1R)-1-carboxyethyl]-2-deoxy-1-O-phosphono-alpha-D-glucopyranose 'C11 H20 N O11 P'
GOL non-polymer GLYCEROL 'C3 H8 O3'
MG non-polymer 'MAGNESIUM ION' 'Mg 2'
SO4 non-polymer 'SULFATE ION' 'O4 S -2'
#
# COMPACT_ATOMS: atom_id res chain seq x y z
N MET A 1 4.32 -12.15 -9.40
CA MET A 1 4.18 -12.30 -7.96
C MET A 1 2.78 -11.95 -7.49
N LYS A 2 2.53 -12.18 -6.21
CA LYS A 2 1.23 -11.88 -5.60
C LYS A 2 1.24 -10.46 -5.06
N ALA A 3 0.05 -9.92 -4.75
CA ALA A 3 0.02 -8.62 -4.17
C ALA A 3 -0.84 -8.67 -2.93
N MET A 4 -0.52 -7.80 -1.98
CA MET A 4 -1.40 -7.61 -0.84
C MET A 4 -1.83 -6.17 -0.78
N ILE A 5 -3.13 -5.97 -0.62
CA ILE A 5 -3.67 -4.61 -0.47
C ILE A 5 -4.07 -4.45 1.00
N LEU A 6 -3.51 -3.45 1.67
CA LEU A 6 -3.91 -3.17 3.04
C LEU A 6 -5.26 -2.44 3.02
N ALA A 7 -6.25 -3.00 3.70
CA ALA A 7 -7.59 -2.42 3.67
C ALA A 7 -8.28 -2.58 5.01
N ALA A 8 -7.49 -2.69 6.08
CA ALA A 8 -8.07 -2.92 7.42
C ALA A 8 -8.29 -1.63 8.22
N GLY A 9 -7.91 -0.49 7.68
CA GLY A 9 -8.05 0.77 8.39
C GLY A 9 -9.49 1.23 8.60
N LYS A 10 -9.73 1.92 9.71
CA LYS A 10 -11.09 2.36 10.04
C LYS A 10 -11.51 3.68 9.39
N GLY A 11 -10.55 4.46 8.88
CA GLY A 11 -10.86 5.70 8.19
C GLY A 11 -11.62 6.72 9.04
N GLU A 12 -11.25 6.82 10.30
CA GLU A 12 -11.92 7.72 11.23
C GLU A 12 -11.85 9.18 10.78
N ARG A 13 -10.80 9.53 10.04
CA ARG A 13 -10.68 10.89 9.53
C ARG A 13 -11.57 11.11 8.32
N MET A 14 -12.11 10.02 7.76
CA MET A 14 -13.02 10.12 6.61
C MET A 14 -14.49 10.19 7.00
N ARG A 15 -14.78 10.20 8.28
CA ARG A 15 -16.18 10.19 8.69
C ARG A 15 -16.85 11.50 8.26
N PRO A 16 -18.17 11.45 8.01
CA PRO A 16 -19.04 10.29 8.21
C PRO A 16 -19.08 9.33 7.04
N LEU A 17 -18.18 9.50 6.05
CA LEU A 17 -18.20 8.62 4.89
C LEU A 17 -18.04 7.16 5.30
N THR A 18 -17.19 6.94 6.30
CA THR A 18 -16.82 5.59 6.70
C THR A 18 -17.69 5.01 7.82
N LEU A 19 -18.82 5.65 8.12
CA LEU A 19 -19.72 5.14 9.13
C LEU A 19 -20.39 3.84 8.67
N HIS A 20 -20.79 3.78 7.40
CA HIS A 20 -21.46 2.58 6.89
C HIS A 20 -20.78 2.06 5.63
N THR A 21 -19.66 2.65 5.27
CA THR A 21 -18.92 2.25 4.09
C THR A 21 -17.46 2.12 4.40
N PRO A 22 -16.87 0.93 4.19
CA PRO A 22 -15.43 0.81 4.43
C PRO A 22 -14.65 1.71 3.49
N LYS A 23 -13.56 2.29 3.98
CA LYS A 23 -12.71 3.22 3.22
C LYS A 23 -12.35 2.75 1.81
N PRO A 24 -11.94 1.48 1.66
CA PRO A 24 -11.61 0.87 0.37
C PRO A 24 -12.75 0.99 -0.63
N LEU A 25 -13.98 1.10 -0.13
CA LEU A 25 -15.14 1.12 -1.02
C LEU A 25 -15.69 2.51 -1.29
N VAL A 26 -15.05 3.55 -0.73
CA VAL A 26 -15.49 4.93 -0.97
C VAL A 26 -15.18 5.30 -2.42
N PRO A 27 -16.16 5.89 -3.12
CA PRO A 27 -15.92 6.24 -4.52
C PRO A 27 -15.02 7.47 -4.70
N VAL A 28 -14.11 7.39 -5.66
CA VAL A 28 -13.25 8.53 -5.92
C VAL A 28 -13.68 9.24 -7.19
N ALA A 29 -13.76 8.55 -8.32
CA ALA A 29 -14.33 9.23 -9.47
C ALA A 29 -15.42 8.36 -10.05
N GLY A 30 -16.36 8.00 -9.20
CA GLY A 30 -17.40 7.07 -9.57
C GLY A 30 -16.91 5.64 -9.41
N GLN A 31 -15.68 5.48 -8.92
CA GLN A 31 -15.14 4.14 -8.73
C GLN A 31 -14.57 3.94 -7.35
N PRO A 32 -14.88 2.80 -6.69
CA PRO A 32 -14.33 2.53 -5.37
C PRO A 32 -12.81 2.59 -5.38
N LEU A 33 -12.29 3.23 -4.35
CA LEU A 33 -10.86 3.48 -4.24
C LEU A 33 -10.03 2.23 -4.50
N ILE A 34 -10.39 1.11 -3.88
CA ILE A 34 -9.57 -0.09 -4.01
C ILE A 34 -9.66 -0.72 -5.39
N GLU A 35 -10.72 -0.41 -6.13
CA GLU A 35 -10.87 -0.96 -7.46
C GLU A 35 -9.87 -0.37 -8.45
N TYR A 36 -9.36 0.83 -8.17
CA TYR A 36 -8.23 1.33 -8.97
C TYR A 36 -7.06 0.39 -8.82
N HIS A 37 -6.82 -0.11 -7.59
CA HIS A 37 -5.66 -0.95 -7.35
C HIS A 37 -5.86 -2.31 -8.01
N LEU A 38 -7.07 -2.86 -7.88
CA LEU A 38 -7.38 -4.15 -8.50
C LEU A 38 -7.21 -4.11 -10.03
N ARG A 39 -7.71 -3.07 -10.67
CA ARG A 39 -7.55 -2.93 -12.11
CA ARG A 39 -7.55 -2.93 -12.11
C ARG A 39 -6.08 -2.75 -12.49
N ALA A 40 -5.39 -1.89 -11.75
CA ALA A 40 -3.97 -1.64 -12.03
C ALA A 40 -3.17 -2.91 -11.87
N LEU A 41 -3.49 -3.69 -10.84
CA LEU A 41 -2.71 -4.89 -10.53
C LEU A 41 -2.92 -5.92 -11.62
N ALA A 42 -4.17 -6.07 -12.05
CA ALA A 42 -4.52 -7.03 -13.10
C ALA A 42 -3.87 -6.65 -14.43
N ALA A 43 -3.86 -5.35 -14.72
CA ALA A 43 -3.20 -4.83 -15.92
C ALA A 43 -1.70 -5.11 -15.88
N ALA A 44 -1.13 -5.12 -14.68
CA ALA A 44 0.29 -5.31 -14.47
C ALA A 44 0.70 -6.78 -14.46
N GLY A 45 -0.29 -7.65 -14.66
CA GLY A 45 -0.04 -9.07 -14.77
C GLY A 45 -0.24 -9.84 -13.48
N VAL A 46 -0.61 -9.12 -12.42
CA VAL A 46 -0.91 -9.76 -11.15
C VAL A 46 -2.21 -10.53 -11.26
N THR A 47 -2.24 -11.77 -10.75
CA THR A 47 -3.44 -12.59 -10.80
C THR A 47 -3.95 -13.03 -9.44
N GLU A 48 -3.08 -12.97 -8.43
CA GLU A 48 -3.51 -13.34 -7.07
C GLU A 48 -3.32 -12.19 -6.08
N VAL A 49 -4.39 -11.86 -5.34
CA VAL A 49 -4.36 -10.73 -4.42
C VAL A 49 -4.83 -11.17 -3.03
N VAL A 50 -4.13 -10.71 -1.98
CA VAL A 50 -4.62 -10.90 -0.60
C VAL A 50 -5.06 -9.54 -0.06
N ILE A 51 -6.22 -9.49 0.59
CA ILE A 51 -6.72 -8.24 1.14
C ILE A 51 -7.05 -8.47 2.60
N ASN A 52 -6.41 -7.70 3.50
CA ASN A 52 -6.79 -7.78 4.91
C ASN A 52 -7.87 -6.76 5.22
N HIS A 53 -8.62 -7.01 6.29
CA HIS A 53 -9.67 -6.07 6.66
C HIS A 53 -10.03 -6.22 8.12
N ALA A 54 -10.74 -5.24 8.64
CA ALA A 54 -11.14 -5.21 10.02
C ALA A 54 -12.45 -4.45 10.08
N TRP A 55 -12.36 -3.13 9.97
CA TRP A 55 -13.54 -2.27 10.00
C TRP A 55 -14.47 -2.52 8.81
N LEU A 56 -15.70 -2.95 9.10
CA LEU A 56 -16.70 -3.19 8.07
C LEU A 56 -16.25 -4.21 7.06
N GLY A 57 -15.45 -5.16 7.52
CA GLY A 57 -14.76 -6.10 6.67
C GLY A 57 -15.67 -6.89 5.76
N GLN A 58 -16.78 -7.42 6.28
CA GLN A 58 -17.60 -8.31 5.45
C GLN A 58 -18.22 -7.55 4.27
N GLN A 59 -18.35 -6.23 4.38
CA GLN A 59 -18.77 -5.43 3.21
C GLN A 59 -17.74 -5.43 2.07
N ILE A 60 -16.45 -5.51 2.41
CA ILE A 60 -15.42 -5.58 1.40
C ILE A 60 -15.55 -6.88 0.64
N GLU A 61 -15.62 -8.01 1.38
CA GLU A 61 -15.76 -9.31 0.72
C GLU A 61 -17.04 -9.39 -0.08
N ASP A 62 -18.13 -8.82 0.43
CA ASP A 62 -19.39 -8.90 -0.29
C ASP A 62 -19.27 -8.17 -1.62
N HIS A 63 -18.59 -7.05 -1.59
CA HIS A 63 -18.49 -6.23 -2.78
C HIS A 63 -17.52 -6.80 -3.83
N LEU A 64 -16.37 -7.28 -3.39
CA LEU A 64 -15.34 -7.74 -4.31
C LEU A 64 -15.45 -9.20 -4.67
N GLY A 65 -16.03 -10.00 -3.77
CA GLY A 65 -16.18 -11.42 -4.00
C GLY A 65 -14.83 -12.07 -4.27
N ASP A 66 -14.78 -12.97 -5.24
CA ASP A 66 -13.52 -13.68 -5.49
C ASP A 66 -12.57 -12.93 -6.39
N GLY A 67 -13.03 -11.80 -6.93
CA GLY A 67 -12.20 -10.98 -7.79
C GLY A 67 -12.27 -11.36 -9.26
N SER A 68 -13.06 -12.40 -9.58
CA SER A 68 -13.10 -12.89 -10.94
C SER A 68 -13.49 -11.80 -11.95
N ARG A 69 -14.29 -10.82 -11.53
CA ARG A 69 -14.71 -9.77 -12.45
CA ARG A 69 -14.71 -9.77 -12.46
C ARG A 69 -13.55 -8.85 -12.81
N PHE A 70 -12.50 -8.88 -11.99
CA PHE A 70 -11.28 -8.09 -12.28
C PHE A 70 -10.21 -8.93 -12.95
N GLY A 71 -10.51 -10.20 -13.19
CA GLY A 71 -9.55 -11.13 -13.71
C GLY A 71 -8.52 -11.48 -12.65
N LEU A 72 -8.96 -11.48 -11.40
CA LEU A 72 -8.08 -11.80 -10.29
C LEU A 72 -8.63 -12.94 -9.45
N SER A 73 -7.78 -13.47 -8.57
CA SER A 73 -8.22 -14.38 -7.53
C SER A 73 -7.85 -13.72 -6.19
N ILE A 74 -8.86 -13.38 -5.41
CA ILE A 74 -8.67 -12.67 -4.14
C ILE A 74 -8.87 -13.55 -2.91
N ARG A 75 -7.95 -13.46 -1.97
CA ARG A 75 -8.13 -14.09 -0.66
CA ARG A 75 -8.13 -14.10 -0.67
C ARG A 75 -8.08 -13.04 0.43
N TYR A 76 -8.92 -13.22 1.43
CA TYR A 76 -9.09 -12.25 2.51
C TYR A 76 -8.38 -12.69 3.81
N SER A 77 -7.83 -11.73 4.54
CA SER A 77 -7.24 -11.99 5.84
C SER A 77 -8.00 -11.16 6.89
N PRO A 78 -9.08 -11.72 7.47
CA PRO A 78 -9.84 -10.93 8.43
C PRO A 78 -9.07 -10.75 9.74
N GLU A 79 -9.17 -9.56 10.31
CA GLU A 79 -8.52 -9.26 11.58
C GLU A 79 -9.55 -8.86 12.63
N GLY A 80 -9.57 -9.58 13.74
CA GLY A 80 -10.56 -9.31 14.79
C GLY A 80 -10.04 -8.32 15.82
N GLU A 81 -8.73 -8.30 15.98
CA GLU A 81 -8.05 -7.34 16.85
C GLU A 81 -7.21 -6.40 15.99
N PRO A 82 -6.94 -5.20 16.49
CA PRO A 82 -6.12 -4.22 15.77
C PRO A 82 -4.70 -4.75 15.59
N LEU A 83 -4.31 -5.08 14.36
CA LEU A 83 -3.00 -5.66 14.16
C LEU A 83 -1.98 -4.65 13.65
N GLU A 84 -2.47 -3.52 13.13
CA GLU A 84 -1.61 -2.53 12.51
C GLU A 84 -1.03 -3.11 11.23
N THR A 85 -0.19 -2.33 10.55
CA THR A 85 0.32 -2.73 9.26
C THR A 85 1.19 -3.99 9.33
N GLY A 86 2.16 -3.98 10.23
CA GLY A 86 3.11 -5.08 10.35
C GLY A 86 2.47 -6.38 10.79
N GLY A 87 1.67 -6.32 11.85
CA GLY A 87 1.03 -7.51 12.38
C GLY A 87 0.06 -8.08 11.36
N GLY A 88 -0.58 -7.19 10.62
CA GLY A 88 -1.54 -7.58 9.61
C GLY A 88 -0.87 -8.30 8.45
N ILE A 89 0.25 -7.76 7.98
CA ILE A 89 1.04 -8.43 6.95
C ILE A 89 1.47 -9.81 7.44
N PHE A 90 2.06 -9.84 8.62
CA PHE A 90 2.46 -11.10 9.24
C PHE A 90 1.32 -12.13 9.25
N LYS A 91 0.13 -11.71 9.70
CA LYS A 91 -1.02 -12.62 9.76
C LYS A 91 -1.38 -13.21 8.40
N ALA A 92 -1.07 -12.47 7.33
CA ALA A 92 -1.49 -12.86 5.99
C ALA A 92 -0.45 -13.71 5.27
N LEU A 93 0.74 -13.82 5.86
CA LEU A 93 1.87 -14.45 5.19
C LEU A 93 1.56 -15.88 4.71
N PRO A 94 0.79 -16.67 5.49
CA PRO A 94 0.36 -18.00 5.02
C PRO A 94 -0.34 -17.95 3.66
N LEU A 95 -1.13 -16.91 3.44
CA LEU A 95 -1.81 -16.76 2.15
C LEU A 95 -0.87 -16.29 1.03
N LEU A 96 0.22 -15.63 1.42
CA LEU A 96 1.14 -15.03 0.45
C LEU A 96 2.20 -16.01 0.01
N GLY A 97 2.65 -16.85 0.94
CA GLY A 97 3.68 -17.83 0.64
C GLY A 97 5.05 -17.25 0.92
N ASP A 98 6.09 -17.93 0.45
CA ASP A 98 7.45 -17.56 0.83
C ASP A 98 8.11 -16.57 -0.12
N ALA A 99 7.43 -16.25 -1.23
CA ALA A 99 8.06 -15.39 -2.23
C ALA A 99 7.74 -13.92 -2.00
N PRO A 100 8.66 -13.03 -2.40
CA PRO A 100 8.43 -11.59 -2.33
C PRO A 100 7.11 -11.22 -2.97
N PHE A 101 6.42 -10.26 -2.35
CA PHE A 101 5.13 -9.84 -2.84
C PHE A 101 5.06 -8.34 -2.94
N LEU A 102 4.09 -7.88 -3.72
CA LEU A 102 3.84 -6.46 -3.89
C LEU A 102 2.89 -6.03 -2.78
N LEU A 103 3.21 -4.95 -2.09
CA LEU A 103 2.40 -4.46 -0.97
C LEU A 103 1.90 -3.08 -1.31
N VAL A 104 0.58 -2.87 -1.21
CA VAL A 104 -0.04 -1.63 -1.63
C VAL A 104 -1.00 -1.18 -0.56
N ASN A 105 -0.71 -0.02 0.02
CA ASN A 105 -1.60 0.58 1.00
C ASN A 105 -2.87 1.03 0.28
N GLY A 106 -4.00 0.41 0.63
CA GLY A 106 -5.19 0.59 -0.18
C GLY A 106 -5.72 2.02 -0.16
N ASP A 107 -5.32 2.81 0.83
CA ASP A 107 -5.79 4.20 0.95
C ASP A 107 -5.20 5.09 -0.14
N VAL A 108 -4.18 4.59 -0.83
CA VAL A 108 -3.48 5.37 -1.83
C VAL A 108 -4.23 5.43 -3.15
N TRP A 109 -4.18 6.58 -3.80
CA TRP A 109 -4.56 6.68 -5.20
C TRP A 109 -3.30 7.15 -5.96
N THR A 110 -2.92 6.46 -7.03
CA THR A 110 -1.70 6.81 -7.76
C THR A 110 -1.72 6.34 -9.23
N ASP A 111 -0.92 6.97 -10.09
CA ASP A 111 -0.78 6.46 -11.45
C ASP A 111 0.53 5.68 -11.58
N TYR A 112 1.15 5.37 -10.45
CA TYR A 112 2.33 4.48 -10.45
C TYR A 112 2.03 3.20 -11.24
N ASP A 113 2.94 2.84 -12.14
CA ASP A 113 2.79 1.61 -12.91
C ASP A 113 3.35 0.41 -12.13
N PHE A 114 2.46 -0.41 -11.59
CA PHE A 114 2.86 -1.56 -10.80
C PHE A 114 3.77 -2.53 -11.56
N ALA A 115 3.73 -2.53 -12.89
CA ALA A 115 4.52 -3.49 -13.66
C ALA A 115 6.01 -3.12 -13.65
N ARG A 116 6.33 -1.92 -13.19
CA ARG A 116 7.73 -1.55 -13.02
C ARG A 116 8.44 -2.41 -11.94
N LEU A 117 7.67 -2.92 -10.99
CA LEU A 117 8.23 -3.63 -9.85
C LEU A 117 8.51 -5.09 -10.14
N GLN A 118 7.92 -5.61 -11.20
CA GLN A 118 8.19 -7.00 -11.61
C GLN A 118 9.53 -7.11 -12.36
N ALA A 119 10.34 -6.05 -12.26
CA ALA A 119 11.70 -6.06 -12.79
C ALA A 119 12.66 -6.42 -11.66
N PRO A 120 13.90 -6.77 -12.02
CA PRO A 120 14.94 -7.16 -11.05
C PRO A 120 15.13 -6.10 -9.94
N LEU A 121 14.89 -6.51 -8.70
CA LEU A 121 14.80 -5.58 -7.57
C LEU A 121 15.77 -5.95 -6.45
N GLN A 122 15.96 -5.03 -5.51
CA GLN A 122 17.09 -5.13 -4.59
C GLN A 122 16.71 -5.27 -3.09
N GLY A 123 17.11 -6.38 -2.45
CA GLY A 123 17.04 -6.51 -1.00
C GLY A 123 15.94 -7.33 -0.33
N LEU A 124 15.69 -7.03 0.95
CA LEU A 124 14.53 -7.58 1.69
C LEU A 124 13.30 -6.73 1.42
N ALA A 125 13.53 -5.55 0.86
CA ALA A 125 12.43 -4.62 0.60
C ALA A 125 12.88 -3.65 -0.46
N HIS A 126 11.95 -3.22 -1.30
CA HIS A 126 12.20 -2.16 -2.25
C HIS A 126 11.03 -1.17 -2.12
N LEU A 127 11.33 0.08 -1.81
CA LEU A 127 10.28 1.03 -1.44
C LEU A 127 10.10 2.09 -2.51
N VAL A 128 8.87 2.35 -2.91
CA VAL A 128 8.61 3.50 -3.78
C VAL A 128 8.44 4.71 -2.87
N LEU A 129 9.23 5.74 -3.09
CA LEU A 129 9.19 6.94 -2.27
C LEU A 129 8.68 8.07 -3.12
N VAL A 130 8.02 9.04 -2.48
CA VAL A 130 7.47 10.21 -3.19
C VAL A 130 7.80 11.48 -2.47
N ASP A 131 7.59 12.62 -3.13
CA ASP A 131 7.77 13.93 -2.50
C ASP A 131 6.94 14.00 -1.22
N ASN A 132 7.49 14.66 -0.21
CA ASN A 132 6.76 14.84 1.04
C ASN A 132 5.52 15.70 0.80
N PRO A 133 4.35 15.21 1.25
CA PRO A 133 3.09 15.93 1.08
C PRO A 133 3.01 17.12 2.04
N GLY A 134 2.45 18.23 1.57
CA GLY A 134 2.31 19.41 2.41
C GLY A 134 3.48 20.38 2.30
N HIS A 135 4.39 20.09 1.37
CA HIS A 135 5.55 20.95 1.13
C HIS A 135 6.45 21.09 2.37
N HIS A 136 6.59 20.01 3.13
CA HIS A 136 7.54 20.01 4.25
C HIS A 136 8.76 19.18 3.89
N GLY A 137 9.73 19.09 4.82
CA GLY A 137 10.93 18.33 4.58
C GLY A 137 11.07 17.14 5.52
N ARG A 138 10.07 16.96 6.40
CA ARG A 138 10.08 15.90 7.40
C ARG A 138 10.27 14.52 6.76
N GLY A 139 9.25 14.05 6.04
CA GLY A 139 9.34 12.77 5.36
C GLY A 139 9.63 11.59 6.27
N ASP A 140 10.19 10.53 5.68
CA ASP A 140 10.48 9.30 6.41
C ASP A 140 11.90 8.83 6.16
N PHE A 141 12.30 8.79 4.88
CA PHE A 141 13.56 8.17 4.50
C PHE A 141 14.35 9.04 3.53
N ARG A 142 15.58 8.62 3.27
CA ARG A 142 16.43 9.28 2.29
CA ARG A 142 16.42 9.29 2.28
C ARG A 142 16.90 8.26 1.25
N LEU A 143 17.06 8.70 0.02
CA LEU A 143 17.44 7.76 -1.04
C LEU A 143 18.80 8.18 -1.60
N VAL A 144 19.77 7.29 -1.50
CA VAL A 144 21.11 7.55 -2.01
C VAL A 144 21.46 6.56 -3.11
N GLY A 145 21.39 7.01 -4.36
CA GLY A 145 21.46 6.07 -5.46
C GLY A 145 20.20 5.23 -5.42
N GLU A 146 20.34 3.90 -5.32
CA GLU A 146 19.17 3.00 -5.17
C GLU A 146 19.00 2.52 -3.75
N GLN A 147 19.83 3.01 -2.86
CA GLN A 147 19.84 2.46 -1.51
C GLN A 147 19.03 3.34 -0.59
N VAL A 148 18.14 2.75 0.20
CA VAL A 148 17.33 3.53 1.13
C VAL A 148 17.89 3.54 2.56
N VAL A 149 17.99 4.73 3.13
CA VAL A 149 18.40 4.88 4.53
C VAL A 149 17.37 5.73 5.30
N ASP A 150 17.47 5.71 6.63
CA ASP A 150 16.53 6.42 7.48
C ASP A 150 16.68 7.94 7.39
N GLY A 151 15.55 8.64 7.39
CA GLY A 151 15.52 10.08 7.21
C GLY A 151 16.26 10.88 8.28
N ASP A 152 16.68 12.08 7.92
CA ASP A 152 17.44 12.92 8.84
C ASP A 152 17.10 14.39 8.64
N ASP A 153 16.27 14.93 9.53
CA ASP A 153 15.84 16.32 9.47
C ASP A 153 15.00 16.59 8.22
N ALA A 154 15.20 17.75 7.61
CA ALA A 154 14.43 18.12 6.42
C ALA A 154 15.28 18.72 5.29
N PRO A 155 16.45 18.11 4.99
CA PRO A 155 17.22 18.63 3.86
C PRO A 155 16.82 17.99 2.52
N GLY A 156 16.73 16.66 2.49
CA GLY A 156 16.38 15.96 1.26
C GLY A 156 15.69 14.62 1.47
N THR A 157 14.85 14.53 2.49
CA THR A 157 14.14 13.30 2.82
C THR A 157 12.91 13.09 1.95
N LEU A 158 12.45 11.84 1.84
CA LEU A 158 11.27 11.53 1.04
C LEU A 158 10.25 10.77 1.86
N THR A 159 9.07 10.59 1.29
CA THR A 159 7.95 9.98 2.01
C THR A 159 7.68 8.60 1.43
N PHE A 160 7.40 7.65 2.31
CA PHE A 160 7.06 6.31 1.83
C PHE A 160 5.67 6.31 1.19
N SER A 161 5.58 5.80 -0.03
CA SER A 161 4.36 5.90 -0.82
C SER A 161 3.32 4.85 -0.43
N GLY A 162 3.74 3.86 0.34
CA GLY A 162 2.82 2.76 0.64
C GLY A 162 2.79 1.77 -0.52
N ILE A 163 3.79 1.87 -1.40
CA ILE A 163 3.91 0.94 -2.50
CA ILE A 163 3.91 0.92 -2.50
C ILE A 163 5.28 0.29 -2.39
N SER A 164 5.33 -1.05 -2.32
CA SER A 164 6.65 -1.68 -2.12
C SER A 164 6.63 -3.13 -2.56
N VAL A 165 7.83 -3.73 -2.67
CA VAL A 165 7.95 -5.18 -2.75
C VAL A 165 8.66 -5.61 -1.48
N LEU A 166 8.04 -6.52 -0.74
CA LEU A 166 8.62 -7.05 0.49
C LEU A 166 8.97 -8.54 0.39
N HIS A 167 10.06 -8.93 1.03
CA HIS A 167 10.41 -10.35 1.22
C HIS A 167 9.76 -10.83 2.49
N PRO A 168 9.01 -11.96 2.44
CA PRO A 168 8.41 -12.46 3.69
C PRO A 168 9.45 -12.66 4.80
N ALA A 169 10.70 -12.89 4.44
CA ALA A 169 11.76 -13.09 5.42
C ALA A 169 11.99 -11.82 6.25
N LEU A 170 11.57 -10.67 5.72
CA LEU A 170 11.52 -9.43 6.50
C LEU A 170 10.86 -9.66 7.86
N PHE A 171 9.95 -10.63 7.91
CA PHE A 171 9.18 -10.95 9.11
C PHE A 171 9.70 -12.20 9.79
N GLU A 172 10.93 -12.57 9.46
CA GLU A 172 11.59 -13.75 10.03
C GLU A 172 11.59 -13.66 11.55
N GLY A 173 11.18 -14.74 12.20
CA GLY A 173 10.89 -14.69 13.62
C GLY A 173 9.66 -13.81 13.77
N CYS A 174 9.86 -12.61 14.31
CA CYS A 174 8.81 -11.60 14.41
C CYS A 174 7.66 -11.95 15.37
N GLN A 175 7.41 -11.03 16.28
CA GLN A 175 6.40 -11.18 17.32
C GLN A 175 5.00 -11.38 16.75
N ALA A 176 4.54 -12.63 16.75
CA ALA A 176 3.20 -12.96 16.25
C ALA A 176 2.11 -12.18 17.00
N GLY A 177 1.53 -11.18 16.34
CA GLY A 177 0.53 -10.33 16.95
C GLY A 177 0.39 -8.99 16.25
N ALA A 178 0.35 -7.91 17.03
CA ALA A 178 0.17 -6.57 16.46
C ALA A 178 1.45 -5.71 16.56
N PHE A 179 1.98 -5.28 15.42
CA PHE A 179 3.18 -4.44 15.43
C PHE A 179 3.32 -3.59 14.16
N LYS A 180 4.30 -2.70 14.18
CA LYS A 180 4.45 -1.73 13.10
C LYS A 180 5.44 -2.20 12.04
N LEU A 181 5.19 -1.79 10.81
CA LEU A 181 6.01 -2.20 9.67
C LEU A 181 7.28 -1.36 9.54
N ALA A 182 7.16 -0.06 9.74
CA ALA A 182 8.28 0.86 9.57
C ALA A 182 9.53 0.38 10.32
N PRO A 183 9.41 0.13 11.63
CA PRO A 183 10.53 -0.35 12.45
C PRO A 183 11.25 -1.55 11.84
N LEU A 184 10.52 -2.45 11.21
CA LEU A 184 11.13 -3.62 10.60
CA LEU A 184 11.11 -3.62 10.58
C LEU A 184 11.96 -3.18 9.40
N LEU A 185 11.44 -2.22 8.64
CA LEU A 185 12.13 -1.70 7.46
C LEU A 185 13.43 -1.01 7.80
N ARG A 186 13.52 -0.47 9.01
CA ARG A 186 14.74 0.21 9.43
C ARG A 186 15.82 -0.76 9.86
N GLN A 187 15.42 -1.94 10.36
CA GLN A 187 16.40 -2.98 10.66
C GLN A 187 17.01 -3.46 9.35
N ALA A 188 16.15 -3.69 8.37
CA ALA A 188 16.61 -4.05 7.02
C ALA A 188 17.52 -2.95 6.45
N MET A 189 17.07 -1.70 6.57
CA MET A 189 17.89 -0.55 6.11
C MET A 189 19.24 -0.50 6.80
N ALA A 190 19.23 -0.73 8.10
CA ALA A 190 20.46 -0.76 8.88
C ALA A 190 21.40 -1.84 8.39
N ALA A 191 20.88 -2.82 7.65
CA ALA A 191 21.72 -3.91 7.16
C ALA A 191 21.98 -3.79 5.66
N GLY A 192 21.61 -2.66 5.07
CA GLY A 192 21.85 -2.40 3.66
C GLY A 192 21.03 -3.28 2.76
N LYS A 193 19.85 -3.68 3.23
CA LYS A 193 19.02 -4.66 2.53
C LYS A 193 17.77 -4.03 1.95
N VAL A 194 17.72 -2.70 1.88
CA VAL A 194 16.53 -2.00 1.41
C VAL A 194 16.87 -1.04 0.27
N SER A 195 16.38 -1.33 -0.92
CA SER A 195 16.53 -0.46 -2.08
C SER A 195 15.29 0.38 -2.23
N GLY A 196 15.37 1.35 -3.12
CA GLY A 196 14.23 2.22 -3.34
C GLY A 196 14.32 3.01 -4.63
N GLU A 197 13.24 3.75 -4.89
CA GLU A 197 13.13 4.60 -6.06
C GLU A 197 12.27 5.81 -5.73
N HIS A 198 12.48 6.88 -6.48
CA HIS A 198 11.74 8.13 -6.26
C HIS A 198 10.77 8.36 -7.42
N TYR A 199 9.48 8.15 -7.16
CA TYR A 199 8.42 8.36 -8.11
C TYR A 199 8.00 9.81 -8.07
N ARG A 200 7.90 10.43 -9.24
CA ARG A 200 7.61 11.86 -9.30
CA ARG A 200 7.61 11.86 -9.30
C ARG A 200 6.25 12.15 -9.92
N GLY A 201 5.46 11.10 -10.09
CA GLY A 201 4.14 11.24 -10.68
C GLY A 201 3.06 11.40 -9.61
N HIS A 202 1.80 11.24 -10.00
CA HIS A 202 0.69 11.55 -9.11
C HIS A 202 0.52 10.52 -8.01
N TRP A 203 0.36 11.01 -6.79
CA TRP A 203 0.21 10.14 -5.62
C TRP A 203 -0.53 10.93 -4.56
N VAL A 204 -1.59 10.31 -4.04
CA VAL A 204 -2.38 10.90 -2.95
C VAL A 204 -2.66 9.85 -1.89
N ASP A 205 -2.37 10.19 -0.64
CA ASP A 205 -2.75 9.31 0.45
C ASP A 205 -4.16 9.77 0.85
N VAL A 206 -5.18 9.00 0.49
CA VAL A 206 -6.56 9.47 0.66
C VAL A 206 -7.06 9.19 2.06
N GLY A 207 -6.71 10.06 3.00
CA GLY A 207 -7.09 9.84 4.39
C GLY A 207 -8.11 10.82 4.92
N THR A 208 -8.37 11.87 4.16
CA THR A 208 -9.36 12.88 4.49
C THR A 208 -10.21 13.26 3.28
N LEU A 209 -11.30 13.97 3.53
CA LEU A 209 -12.14 14.49 2.46
C LEU A 209 -11.33 15.39 1.55
N GLU A 210 -10.46 16.22 2.12
CA GLU A 210 -9.57 17.06 1.31
C GLU A 210 -8.66 16.23 0.39
N ARG A 211 -8.06 15.15 0.88
CA ARG A 211 -7.22 14.29 0.02
C ARG A 211 -8.07 13.63 -1.07
N LEU A 212 -9.29 13.27 -0.72
CA LEU A 212 -10.22 12.68 -1.68
CA LEU A 212 -10.21 12.67 -1.69
C LEU A 212 -10.47 13.66 -2.83
N ALA A 213 -10.74 14.91 -2.48
CA ALA A 213 -10.97 15.94 -3.50
C ALA A 213 -9.75 16.09 -4.41
N GLU A 214 -8.56 16.05 -3.83
CA GLU A 214 -7.34 16.25 -4.60
C GLU A 214 -7.14 15.13 -5.62
N ALA A 215 -7.40 13.90 -5.18
CA ALA A 215 -7.33 12.74 -6.05
C ALA A 215 -8.32 12.88 -7.20
N GLU A 216 -9.54 13.30 -6.88
CA GLU A 216 -10.57 13.49 -7.89
C GLU A 216 -10.13 14.53 -8.89
N SER A 217 -9.53 15.61 -8.38
CA SER A 217 -9.00 16.67 -9.23
C SER A 217 -8.01 16.13 -10.25
N LEU A 218 -7.03 15.37 -9.77
CA LEU A 218 -6.00 14.80 -10.62
C LEU A 218 -6.57 13.74 -11.57
N ILE A 219 -7.50 12.92 -11.09
CA ILE A 219 -8.14 11.94 -11.96
C ILE A 219 -8.95 12.62 -13.08
N GLY A 220 -9.45 13.82 -12.82
CA GLY A 220 -10.25 14.55 -13.79
C GLY A 220 -9.38 15.19 -14.85
N GLU A 221 -8.12 15.44 -14.49
CA GLU A 221 -7.14 15.99 -15.43
C GLU A 221 -6.63 14.90 -16.38
N ARG A 222 -6.66 13.64 -15.93
CA ARG A 222 -6.20 12.50 -16.72
C ARG A 222 -7.23 12.06 -17.77
N ALA A 223 -8.50 12.17 -17.41
CA ALA A 223 -9.59 11.81 -18.32
C ALA A 223 -9.58 12.68 -19.57
N LEU A 224 -9.29 13.96 -19.38
CA LEU A 224 -9.29 14.91 -20.49
C LEU A 224 -8.13 14.68 -21.45
C1 GOL B . 13.28 -10.25 -8.64
O1 GOL B . 13.17 -11.62 -8.98
C2 GOL B . 12.24 -9.89 -7.58
O2 GOL B . 12.92 -9.38 -6.45
C3 GOL B . 11.18 -8.91 -8.08
O3 GOL B . 10.16 -9.55 -8.80
H11 GOL B . 13.13 -9.64 -9.52
H12 GOL B . 14.28 -10.05 -8.25
HO1 GOL B . 13.79 -11.82 -9.71
H2 GOL B . 11.74 -10.81 -7.28
HO2 GOL B . 13.36 -8.53 -6.70
H31 GOL B . 10.75 -8.38 -7.23
H32 GOL B . 11.66 -8.16 -8.72
HO3 GOL B . 9.81 -10.31 -8.28
C1 GOL C . 19.19 -7.69 10.04
O1 GOL C . 19.55 -6.32 10.01
C2 GOL C . 18.08 -7.96 9.02
O2 GOL C . 18.36 -9.16 8.33
C3 GOL C . 16.72 -8.06 9.69
O3 GOL C . 15.88 -8.94 8.97
H11 GOL C . 20.07 -8.29 9.80
H12 GOL C . 18.85 -7.96 11.04
HO1 GOL C . 20.20 -6.15 10.72
H2 GOL C . 18.06 -7.14 8.31
HO2 GOL C . 18.34 -9.91 8.96
H31 GOL C . 16.83 -8.41 10.72
H32 GOL C . 16.25 -7.07 9.72
HO3 GOL C . 15.32 -9.45 9.61
S SO4 D . 3.47 1.26 10.25
O1 SO4 D . 2.93 1.72 8.98
O2 SO4 D . 2.98 -0.09 10.54
O3 SO4 D . 3.05 2.16 11.32
O4 SO4 D . 4.93 1.24 10.18
MG MG E . -4.75 7.22 4.84
MG MG F . -7.31 2.87 11.01
PA 2KH G . -4.26 4.92 8.73
O1A 2KH G . -4.30 6.40 8.51
O2A 2KH G . -3.00 4.72 9.63
N3A 2KH G . -5.61 4.51 9.65
O5' 2KH G . -4.05 4.05 7.41
PB 2KH G . -6.95 5.48 9.52
O1B 2KH G . -8.00 5.16 10.61
O2B 2KH G . -7.60 5.26 8.19
O3B 2KH G . -6.72 6.96 9.73
PG 2KH G . -8.01 7.69 9.47
O1G 2KH G . -9.16 7.06 10.16
O2G 2KH G . -8.32 7.70 8.01
O3G 2KH G . -7.78 9.09 9.90
C5' 2KH G . -5.05 3.38 6.63
C4' 2KH G . -4.82 2.17 5.81
O4' 2KH G . -3.65 1.44 6.20
C1' 2KH G . -4.10 0.12 6.43
C2' 2KH G . -5.34 -0.01 5.64
O2' 2KH G . -5.07 -0.03 4.27
C3' 2KH G . -5.96 1.22 5.91
O3' 2KH G . -6.98 1.34 4.98
N1 2KH G . -4.24 -0.27 7.80
C6 2KH G . -4.36 0.72 8.85
C2 2KH G . -4.22 -1.70 8.03
O2 2KH G . -4.13 -2.51 7.13
N3 2KH G . -4.32 -2.11 9.43
C4 2KH G . -4.44 -1.19 10.53
O4 2KH G . -4.52 -1.58 11.67
C5 2KH G . -4.45 0.25 10.24
C01 491 H . 7.03 5.61 7.34
C02 491 H . 5.53 5.49 7.33
C03 491 H . 5.13 4.33 8.14
O04 491 H . 4.38 4.48 9.13
O05 491 H . 5.54 3.18 7.84
O3 491 H . 5.05 5.32 5.97
C3 491 H . 3.69 5.85 5.75
C2 491 H . 2.91 4.91 4.94
C1 491 H . 1.49 5.38 4.82
O5 491 H . 1.44 6.75 4.22
C5 491 H . 2.35 7.71 4.83
C4 491 H . 3.74 7.18 5.05
O4 491 H . 4.49 8.10 5.81
C6 491 H . 2.39 8.93 3.95
O6 491 H . 1.08 9.45 3.88
O1 491 H . 0.92 5.41 6.05
P17 491 H . -0.53 5.93 6.27
O18 491 H . -1.01 5.47 7.63
O19 491 H . -0.55 7.44 6.23
O20 491 H . -1.46 5.40 5.21
N2 491 H . 3.01 3.56 5.56
C7 491 H . 2.44 2.39 4.90
O7 491 H . 1.86 2.51 3.83
C8 491 H . 2.56 0.99 5.57
#